data_2CIP
#
_entry.id   2CIP
#
_cell.length_a   49.747
_cell.length_b   63.167
_cell.length_c   78.756
_cell.angle_alpha   90.00
_cell.angle_beta   90.00
_cell.angle_gamma   90.00
#
_symmetry.space_group_name_H-M   'P 21 21 21'
#
loop_
_entity.id
_entity.type
_entity.pdbx_description
1 polymer 'ENDOGLUCANASE H'
2 branched beta-D-glucopyranose-(1-3)-beta-D-glucopyranose
3 non-polymer 4-METHYL-2H-CHROMEN-2-ONE
4 water water
#
_entity_poly.entity_id   1
_entity_poly.type   'polypeptide(L)'
_entity_poly.pdbx_seq_one_letter_code
;MASNYNSGLKIGAWVGTQPSESAIKSFQELQGRKLDIVHQFINWSTDFSWVRPYADAVYNNGSILMITWEPWEYNTVDIK
NGKADAYITRMAQDMKAYGKEIWLRPLHEANGDWYPWAIGYSSRVNTNETYIAAFRHIVDIFRANGATNVKWVFNVNCDN
VGNGTSYLGHYPGDNYVDYTSIDGYNWGTTQSWGSQWQSFDQVFSRAYQALASINKPIIIAQFASAEIGGNKARWITEAY
NSIRTSYNKVIAAVWFHENKETDWRINSSPEALAAYREAIGA
;
_entity_poly.pdbx_strand_id   A
#
# COMPACT_ATOMS: atom_id res chain seq x y z
N SER A 7 16.24 -11.17 5.90
CA SER A 7 16.15 -10.29 4.69
C SER A 7 15.27 -10.96 3.61
N GLY A 8 14.51 -11.97 4.01
CA GLY A 8 13.55 -12.56 3.10
C GLY A 8 12.43 -11.56 2.81
N LEU A 9 11.74 -11.84 1.73
CA LEU A 9 10.54 -11.09 1.33
C LEU A 9 9.52 -11.11 2.47
N LYS A 10 9.08 -9.95 2.93
CA LYS A 10 8.02 -9.90 3.93
C LYS A 10 6.67 -10.08 3.24
N ILE A 11 5.81 -10.84 3.92
CA ILE A 11 4.48 -11.19 3.40
C ILE A 11 3.45 -10.40 4.15
N GLY A 12 2.64 -9.65 3.40
CA GLY A 12 1.61 -8.86 4.04
C GLY A 12 0.24 -9.04 3.39
N ALA A 13 -0.77 -8.48 4.02
CA ALA A 13 -2.08 -8.41 3.35
C ALA A 13 -2.96 -7.32 3.97
N TRP A 14 -3.81 -6.74 3.10
CA TRP A 14 -5.13 -6.21 3.51
C TRP A 14 -6.04 -7.45 3.50
N VAL A 15 -6.70 -7.75 4.63
CA VAL A 15 -7.41 -9.04 4.73
C VAL A 15 -8.91 -8.92 4.37
N GLY A 16 -9.31 -7.80 3.79
CA GLY A 16 -10.67 -7.63 3.27
C GLY A 16 -11.65 -6.99 4.25
N THR A 17 -11.18 -6.78 5.47
CA THR A 17 -11.95 -6.14 6.54
C THR A 17 -10.89 -5.51 7.46
N GLN A 18 -11.33 -4.67 8.39
CA GLN A 18 -10.38 -4.08 9.31
C GLN A 18 -9.74 -5.18 10.16
N PRO A 19 -8.43 -5.08 10.44
CA PRO A 19 -7.72 -6.23 10.97
C PRO A 19 -7.88 -6.42 12.48
N SER A 20 -9.07 -6.90 12.85
CA SER A 20 -9.22 -7.41 14.22
C SER A 20 -8.30 -8.62 14.47
N GLU A 21 -8.14 -8.99 15.74
CA GLU A 21 -7.37 -10.16 16.09
C GLU A 21 -7.82 -11.38 15.30
N SER A 22 -9.14 -11.59 15.23
CA SER A 22 -9.66 -12.76 14.56
CA SER A 22 -9.74 -12.72 14.55
C SER A 22 -9.47 -12.69 13.05
N ALA A 23 -9.57 -11.49 12.46
CA ALA A 23 -9.34 -11.40 11.02
C ALA A 23 -7.89 -11.70 10.66
N ILE A 24 -6.94 -11.22 11.47
CA ILE A 24 -5.53 -11.50 11.26
C ILE A 24 -5.27 -13.00 11.40
N LYS A 25 -5.76 -13.60 12.49
CA LYS A 25 -5.51 -15.02 12.71
C LYS A 25 -6.17 -15.86 11.61
N SER A 26 -7.38 -15.50 11.18
CA SER A 26 -8.01 -16.26 10.12
C SER A 26 -7.24 -16.22 8.81
N PHE A 27 -6.66 -15.05 8.51
CA PHE A 27 -5.87 -14.98 7.28
C PHE A 27 -4.59 -15.80 7.40
N GLN A 28 -3.99 -15.81 8.59
CA GLN A 28 -2.77 -16.60 8.79
C GLN A 28 -3.09 -18.09 8.64
N GLU A 29 -4.24 -18.52 9.15
CA GLU A 29 -4.67 -19.91 8.95
C GLU A 29 -4.86 -20.16 7.49
N LEU A 30 -5.51 -19.23 6.83
CA LEU A 30 -5.80 -19.38 5.41
C LEU A 30 -4.54 -19.53 4.55
N GLN A 31 -3.57 -18.64 4.72
CA GLN A 31 -2.33 -18.71 3.91
C GLN A 31 -1.27 -19.66 4.45
N GLY A 32 -1.45 -20.17 5.66
CA GLY A 32 -0.51 -21.16 6.24
C GLY A 32 0.80 -20.56 6.69
N ARG A 33 0.77 -19.30 7.11
CA ARG A 33 2.00 -18.58 7.44
C ARG A 33 1.66 -17.32 8.19
N LYS A 34 2.56 -16.95 9.09
CA LYS A 34 2.56 -15.63 9.72
C LYS A 34 2.44 -14.48 8.69
N LEU A 35 1.66 -13.46 9.03
CA LEU A 35 1.70 -12.19 8.32
C LEU A 35 2.75 -11.30 8.91
N ASP A 36 3.70 -10.91 8.08
CA ASP A 36 4.71 -9.97 8.55
C ASP A 36 4.18 -8.53 8.64
N ILE A 37 3.27 -8.20 7.73
CA ILE A 37 2.71 -6.86 7.63
C ILE A 37 1.19 -7.00 7.51
N VAL A 38 0.48 -6.19 8.28
CA VAL A 38 -0.97 -6.11 8.18
C VAL A 38 -1.33 -4.72 7.71
N HIS A 39 -2.18 -4.67 6.67
CA HIS A 39 -2.55 -3.41 6.03
C HIS A 39 -3.96 -2.98 6.37
N GLN A 40 -4.14 -1.70 6.73
CA GLN A 40 -5.49 -1.15 6.91
C GLN A 40 -5.63 0.21 6.18
N PHE A 41 -6.85 0.54 5.77
CA PHE A 41 -7.17 1.81 5.13
C PHE A 41 -8.00 2.63 6.09
N ILE A 42 -7.63 3.90 6.30
CA ILE A 42 -8.47 4.83 7.08
C ILE A 42 -8.58 6.15 6.31
N ASN A 43 -9.54 6.98 6.70
CA ASN A 43 -9.71 8.29 6.10
C ASN A 43 -9.16 9.40 6.98
N TRP A 44 -9.39 10.65 6.57
CA TRP A 44 -8.89 11.82 7.32
C TRP A 44 -9.95 12.41 8.23
N SER A 45 -10.93 11.60 8.63
CA SER A 45 -11.87 11.98 9.72
C SER A 45 -11.87 10.88 10.77
N THR A 46 -10.78 10.11 10.81
CA THR A 46 -10.61 9.01 11.76
C THR A 46 -9.46 9.35 12.69
N ASP A 47 -9.75 9.36 14.00
CA ASP A 47 -8.67 9.66 14.95
CA ASP A 47 -8.85 9.58 15.11
C ASP A 47 -8.01 8.34 15.38
N PHE A 48 -6.82 8.50 15.90
CA PHE A 48 -6.05 7.32 16.28
C PHE A 48 -6.75 6.41 17.26
N SER A 49 -7.64 6.94 18.11
CA SER A 49 -8.30 6.08 19.07
C SER A 49 -9.14 5.02 18.38
N TRP A 50 -9.60 5.30 17.17
CA TRP A 50 -10.37 4.31 16.41
C TRP A 50 -9.43 3.24 15.87
N VAL A 51 -8.23 3.67 15.51
CA VAL A 51 -7.19 2.76 15.00
C VAL A 51 -6.62 1.83 16.08
N ARG A 52 -6.45 2.39 17.29
CA ARG A 52 -5.68 1.72 18.32
CA ARG A 52 -5.75 1.75 18.42
C ARG A 52 -6.05 0.25 18.60
N PRO A 53 -7.35 -0.12 18.66
CA PRO A 53 -7.59 -1.57 18.89
C PRO A 53 -7.06 -2.46 17.77
N TYR A 54 -7.05 -1.95 16.54
CA TYR A 54 -6.50 -2.71 15.41
C TYR A 54 -4.99 -2.72 15.50
N ALA A 55 -4.38 -1.57 15.80
CA ALA A 55 -2.95 -1.53 15.94
C ALA A 55 -2.51 -2.51 17.03
N ASP A 56 -3.24 -2.55 18.15
CA ASP A 56 -2.87 -3.46 19.24
C ASP A 56 -2.90 -4.92 18.75
N ALA A 57 -3.95 -5.27 18.01
CA ALA A 57 -4.05 -6.64 17.50
C ALA A 57 -2.86 -6.96 16.61
N VAL A 58 -2.49 -6.00 15.75
CA VAL A 58 -1.39 -6.22 14.84
C VAL A 58 -0.05 -6.40 15.59
N TYR A 59 0.20 -5.53 16.55
CA TYR A 59 1.48 -5.62 17.28
CA TYR A 59 1.44 -5.60 17.29
C TYR A 59 1.51 -6.83 18.18
N ASN A 60 0.37 -7.16 18.79
CA ASN A 60 0.30 -8.38 19.62
C ASN A 60 0.61 -9.63 18.82
N ASN A 61 0.27 -9.63 17.52
CA ASN A 61 0.56 -10.74 16.62
C ASN A 61 2.02 -10.79 16.14
N GLY A 62 2.77 -9.73 16.47
CA GLY A 62 4.17 -9.65 16.04
C GLY A 62 4.32 -9.17 14.60
N SER A 63 3.35 -8.37 14.12
CA SER A 63 3.40 -7.82 12.76
C SER A 63 3.60 -6.31 12.77
N ILE A 64 3.96 -5.81 11.58
CA ILE A 64 4.10 -4.39 11.27
CA ILE A 64 4.01 -4.35 11.43
C ILE A 64 2.73 -3.87 10.78
N LEU A 65 2.23 -2.74 11.30
CA LEU A 65 1.01 -2.13 10.77
C LEU A 65 1.39 -1.15 9.67
N MET A 66 0.78 -1.34 8.50
CA MET A 66 0.82 -0.34 7.43
C MET A 66 -0.56 0.25 7.28
N ILE A 67 -0.66 1.58 7.39
CA ILE A 67 -1.91 2.31 7.28
C ILE A 67 -1.86 3.15 6.02
N THR A 68 -2.83 2.92 5.11
CA THR A 68 -3.03 3.81 4.00
C THR A 68 -4.05 4.85 4.46
N TRP A 69 -3.65 6.12 4.40
CA TRP A 69 -4.32 7.21 5.08
C TRP A 69 -4.87 8.14 4.01
N GLU A 70 -6.18 8.02 3.73
CA GLU A 70 -6.84 8.55 2.53
C GLU A 70 -7.58 9.86 2.82
N PRO A 71 -7.09 10.99 2.29
CA PRO A 71 -7.75 12.26 2.62
C PRO A 71 -8.95 12.53 1.73
N TRP A 72 -10.01 11.74 1.84
CA TRP A 72 -11.23 12.09 1.15
C TRP A 72 -11.71 13.46 1.57
N GLU A 73 -11.38 13.82 2.81
CA GLU A 73 -11.89 15.04 3.43
C GLU A 73 -11.08 16.33 3.16
N TYR A 74 -9.91 16.23 2.52
CA TYR A 74 -9.03 17.41 2.29
C TYR A 74 -8.23 17.20 1.00
N ASN A 75 -8.27 18.15 0.08
CA ASN A 75 -7.44 18.02 -1.13
C ASN A 75 -6.02 18.57 -0.86
N THR A 76 -5.12 18.48 -1.85
CA THR A 76 -3.75 18.84 -1.59
C THR A 76 -3.55 20.30 -1.30
N VAL A 77 -4.42 21.15 -1.86
CA VAL A 77 -4.32 22.59 -1.61
C VAL A 77 -4.69 22.91 -0.15
N ASP A 78 -5.80 22.32 0.32
CA ASP A 78 -6.30 22.33 1.72
CA ASP A 78 -6.11 22.63 1.67
C ASP A 78 -5.11 21.98 2.64
N ILE A 79 -4.54 20.84 2.33
CA ILE A 79 -3.52 20.25 3.18
C ILE A 79 -2.27 21.14 3.18
N LYS A 80 -1.78 21.51 2.02
CA LYS A 80 -0.52 22.27 2.03
C LYS A 80 -0.72 23.65 2.65
N ASN A 81 -1.93 24.18 2.61
CA ASN A 81 -2.16 25.50 3.23
C ASN A 81 -2.38 25.46 4.72
N GLY A 82 -2.41 24.24 5.27
CA GLY A 82 -2.52 24.11 6.72
C GLY A 82 -3.91 23.90 7.27
N LYS A 83 -4.89 23.72 6.39
CA LYS A 83 -6.27 23.70 6.87
C LYS A 83 -6.66 22.41 7.58
N ALA A 84 -5.82 21.38 7.45
CA ALA A 84 -6.04 20.13 8.19
C ALA A 84 -5.07 19.99 9.36
N ASP A 85 -4.33 21.06 9.69
CA ASP A 85 -3.21 20.85 10.59
C ASP A 85 -3.61 20.42 11.99
N ALA A 86 -4.78 20.83 12.48
CA ALA A 86 -5.17 20.37 13.83
C ALA A 86 -5.33 18.82 13.84
N TYR A 87 -5.96 18.31 12.77
CA TYR A 87 -6.19 16.88 12.64
C TYR A 87 -4.84 16.13 12.48
N ILE A 88 -3.94 16.64 11.63
CA ILE A 88 -2.63 16.02 11.45
C ILE A 88 -1.81 16.02 12.74
N THR A 89 -1.84 17.16 13.44
CA THR A 89 -1.10 17.29 14.69
C THR A 89 -1.59 16.30 15.74
N ARG A 90 -2.91 16.14 15.88
CA ARG A 90 -3.45 15.14 16.84
C ARG A 90 -3.00 13.73 16.46
N MET A 91 -3.03 13.41 15.16
CA MET A 91 -2.62 12.06 14.75
C MET A 91 -1.15 11.84 15.07
N ALA A 92 -0.31 12.85 14.81
CA ALA A 92 1.12 12.72 15.11
C ALA A 92 1.37 12.53 16.61
N GLN A 93 0.69 13.33 17.41
CA GLN A 93 0.85 13.21 18.86
C GLN A 93 0.39 11.85 19.36
N ASP A 94 -0.72 11.37 18.82
CA ASP A 94 -1.23 10.09 19.27
C ASP A 94 -0.36 8.95 18.80
N MET A 95 0.14 9.03 17.58
CA MET A 95 1.06 8.01 17.09
C MET A 95 2.41 8.04 17.82
N LYS A 96 2.89 9.23 18.20
CA LYS A 96 4.09 9.28 19.02
C LYS A 96 3.86 8.58 20.36
N ALA A 97 2.75 8.92 21.00
CA ALA A 97 2.45 8.33 22.31
C ALA A 97 2.36 6.81 22.20
N TYR A 98 1.78 6.31 21.10
CA TYR A 98 1.67 4.88 20.90
CA TYR A 98 1.67 4.87 20.82
C TYR A 98 3.05 4.21 20.79
N GLY A 99 3.97 4.87 20.13
CA GLY A 99 5.39 4.55 20.24
C GLY A 99 5.89 3.49 19.29
N LYS A 100 5.02 2.62 18.82
CA LYS A 100 5.46 1.46 18.01
C LYS A 100 5.64 1.88 16.56
N GLU A 101 6.42 1.11 15.81
CA GLU A 101 6.73 1.43 14.42
C GLU A 101 5.49 1.25 13.56
N ILE A 102 5.09 2.32 12.88
CA ILE A 102 3.96 2.28 11.97
C ILE A 102 4.44 2.75 10.60
N TRP A 103 4.05 2.04 9.54
CA TRP A 103 4.32 2.48 8.17
C TRP A 103 3.11 3.21 7.66
N LEU A 104 3.26 4.49 7.38
CA LEU A 104 2.10 5.35 7.08
C LEU A 104 2.18 5.78 5.60
N ARG A 105 1.09 5.58 4.84
CA ARG A 105 1.10 5.78 3.40
C ARG A 105 0.00 6.77 3.04
N PRO A 106 0.28 8.08 3.17
CA PRO A 106 -0.74 9.12 2.90
C PRO A 106 -0.82 9.43 1.40
N LEU A 107 -2.00 9.79 0.93
CA LEU A 107 -2.20 10.31 -0.44
CA LEU A 107 -2.16 10.34 -0.43
C LEU A 107 -1.63 9.37 -1.50
N HIS A 108 -2.04 8.12 -1.43
CA HIS A 108 -1.52 7.10 -2.32
C HIS A 108 -2.15 7.17 -3.72
N GLU A 109 -1.53 6.44 -4.63
CA GLU A 109 -2.00 6.34 -6.02
C GLU A 109 -2.28 7.70 -6.65
N ALA A 110 -1.39 8.66 -6.43
CA ALA A 110 -1.67 10.01 -6.91
C ALA A 110 -1.38 10.18 -8.39
N ASN A 111 -0.74 9.17 -9.00
CA ASN A 111 -0.60 9.15 -10.46
C ASN A 111 -1.77 8.45 -11.16
N GLY A 112 -2.87 8.22 -10.43
CA GLY A 112 -4.14 7.81 -11.01
C GLY A 112 -5.08 9.02 -11.10
N ASP A 113 -6.33 8.70 -11.42
CA ASP A 113 -7.34 9.77 -11.55
C ASP A 113 -8.60 9.53 -10.71
N TRP A 114 -8.54 8.57 -9.80
CA TRP A 114 -9.75 8.11 -9.07
C TRP A 114 -9.88 8.70 -7.68
N TYR A 115 -8.82 9.28 -7.17
CA TYR A 115 -8.87 9.89 -5.83
C TYR A 115 -8.86 11.41 -5.91
N PRO A 116 -9.54 12.07 -4.99
CA PRO A 116 -9.68 13.54 -5.06
C PRO A 116 -8.42 14.29 -4.70
N TRP A 117 -7.37 13.59 -4.25
CA TRP A 117 -6.08 14.19 -4.03
C TRP A 117 -5.08 13.86 -5.14
N ALA A 118 -5.47 13.07 -6.14
CA ALA A 118 -4.56 12.60 -7.18
C ALA A 118 -4.32 13.66 -8.24
N ILE A 119 -3.14 13.63 -8.83
CA ILE A 119 -2.85 14.62 -9.86
CA ILE A 119 -2.77 14.54 -9.93
C ILE A 119 -3.77 14.44 -11.07
N GLY A 120 -4.14 13.20 -11.42
CA GLY A 120 -5.04 13.00 -12.56
C GLY A 120 -6.52 13.26 -12.28
N TYR A 121 -6.87 13.60 -11.04
CA TYR A 121 -8.28 13.78 -10.68
C TYR A 121 -8.83 14.92 -11.53
N SER A 122 -10.07 14.73 -12.01
CA SER A 122 -10.65 15.59 -13.09
C SER A 122 -10.96 17.04 -12.67
N SER A 123 -11.00 17.36 -11.39
CA SER A 123 -11.12 18.78 -11.02
C SER A 123 -9.88 19.62 -11.27
N ARG A 124 -8.74 18.97 -11.55
CA ARG A 124 -7.45 19.64 -11.88
C ARG A 124 -6.78 20.38 -10.69
N VAL A 125 -7.35 20.26 -9.50
CA VAL A 125 -6.85 21.01 -8.32
C VAL A 125 -5.44 20.55 -7.81
N ASN A 126 -5.05 19.30 -8.09
CA ASN A 126 -3.80 18.78 -7.53
C ASN A 126 -2.72 18.77 -8.59
N THR A 127 -1.61 19.44 -8.28
CA THR A 127 -0.48 19.49 -9.21
C THR A 127 0.72 18.83 -8.54
N ASN A 128 1.80 18.63 -9.30
CA ASN A 128 3.02 18.11 -8.64
C ASN A 128 3.38 18.96 -7.42
N GLU A 129 3.29 20.29 -7.60
CA GLU A 129 3.73 21.21 -6.57
C GLU A 129 2.85 21.16 -5.33
N THR A 130 1.52 21.11 -5.53
CA THR A 130 0.65 21.04 -4.34
C THR A 130 0.75 19.72 -3.63
N TYR A 131 0.93 18.64 -4.42
CA TYR A 131 1.13 17.34 -3.85
C TYR A 131 2.39 17.28 -3.00
N ILE A 132 3.51 17.72 -3.58
CA ILE A 132 4.74 17.65 -2.85
C ILE A 132 4.69 18.48 -1.57
N ALA A 133 4.10 19.69 -1.69
CA ALA A 133 4.02 20.55 -0.53
C ALA A 133 3.11 19.93 0.52
N ALA A 134 2.01 19.29 0.10
CA ALA A 134 1.13 18.63 1.10
C ALA A 134 1.87 17.49 1.82
N PHE A 135 2.52 16.62 1.03
CA PHE A 135 3.21 15.47 1.64
C PHE A 135 4.28 15.95 2.63
N ARG A 136 5.09 16.92 2.19
CA ARG A 136 6.13 17.45 3.06
C ARG A 136 5.58 18.10 4.31
N HIS A 137 4.43 18.78 4.16
CA HIS A 137 3.85 19.41 5.35
C HIS A 137 3.42 18.38 6.39
N ILE A 138 2.81 17.27 5.92
CA ILE A 138 2.44 16.20 6.84
C ILE A 138 3.65 15.65 7.60
N VAL A 139 4.69 15.32 6.84
CA VAL A 139 5.89 14.76 7.47
C VAL A 139 6.49 15.76 8.46
N ASP A 140 6.54 17.04 8.07
CA ASP A 140 7.07 18.07 8.97
C ASP A 140 6.35 18.10 10.33
N ILE A 141 5.02 18.03 10.27
CA ILE A 141 4.24 18.05 11.51
C ILE A 141 4.53 16.82 12.36
N PHE A 142 4.61 15.67 11.73
CA PHE A 142 4.91 14.47 12.51
C PHE A 142 6.30 14.58 13.17
N ARG A 143 7.30 15.05 12.43
CA ARG A 143 8.63 15.18 13.01
C ARG A 143 8.68 16.20 14.14
N ALA A 144 7.91 17.28 14.03
CA ALA A 144 7.89 18.28 15.11
C ALA A 144 7.29 17.71 16.38
N ASN A 145 6.51 16.64 16.24
CA ASN A 145 5.86 16.03 17.39
C ASN A 145 6.55 14.74 17.86
N GLY A 146 7.77 14.55 17.37
CA GLY A 146 8.62 13.45 17.82
C GLY A 146 8.20 12.08 17.35
N ALA A 147 7.34 12.03 16.31
CA ALA A 147 6.80 10.75 15.84
C ALA A 147 7.78 10.05 14.88
N THR A 148 9.01 9.84 15.34
CA THR A 148 10.06 9.15 14.58
C THR A 148 9.78 7.66 14.36
N ASN A 149 8.80 7.12 15.10
CA ASN A 149 8.34 5.74 14.93
C ASN A 149 7.48 5.58 13.65
N VAL A 150 7.04 6.69 13.05
CA VAL A 150 6.19 6.66 11.85
C VAL A 150 7.12 6.72 10.64
N LYS A 151 7.06 5.70 9.79
CA LYS A 151 7.86 5.59 8.59
C LYS A 151 6.99 5.93 7.38
N TRP A 152 7.55 6.72 6.46
CA TRP A 152 6.74 7.32 5.40
C TRP A 152 6.85 6.55 4.13
N VAL A 153 5.68 6.16 3.59
CA VAL A 153 5.65 5.36 2.37
C VAL A 153 5.10 6.20 1.19
N PHE A 154 5.96 6.46 0.18
CA PHE A 154 5.55 7.05 -1.09
C PHE A 154 4.95 5.94 -1.95
N ASN A 155 4.06 6.30 -2.85
CA ASN A 155 3.39 5.30 -3.68
C ASN A 155 3.16 5.77 -5.09
N VAL A 156 3.23 4.82 -6.01
CA VAL A 156 2.69 5.02 -7.36
C VAL A 156 1.77 3.85 -7.73
N ASN A 157 0.72 4.16 -8.50
CA ASN A 157 0.01 3.15 -9.22
C ASN A 157 0.91 2.60 -10.34
N CYS A 158 0.70 1.33 -10.68
CA CYS A 158 1.54 0.70 -11.72
C CYS A 158 1.46 1.43 -13.07
N ASP A 159 0.31 2.06 -13.35
CA ASP A 159 0.08 2.81 -14.58
C ASP A 159 -0.28 4.22 -14.22
N ASN A 160 0.20 5.15 -15.04
CA ASN A 160 -0.26 6.52 -14.98
C ASN A 160 -1.63 6.64 -15.65
N VAL A 161 -2.61 7.13 -14.91
CA VAL A 161 -3.98 7.20 -15.45
C VAL A 161 -4.49 8.59 -15.21
N GLY A 162 -4.89 9.28 -16.30
CA GLY A 162 -5.38 10.65 -16.21
C GLY A 162 -4.36 11.67 -16.62
N ASN A 163 -4.81 12.92 -16.83
CA ASN A 163 -3.92 13.95 -17.34
C ASN A 163 -2.89 14.36 -16.30
N GLY A 164 -1.64 14.52 -16.78
CA GLY A 164 -0.60 15.10 -15.94
C GLY A 164 0.13 14.14 -15.01
N THR A 165 -0.18 12.86 -15.09
CA THR A 165 0.32 11.87 -14.16
C THR A 165 1.67 11.28 -14.58
N SER A 166 2.51 10.96 -13.60
CA SER A 166 3.82 10.37 -13.85
C SER A 166 4.28 9.63 -12.61
N TYR A 167 5.33 8.80 -12.76
CA TYR A 167 5.77 8.06 -11.56
C TYR A 167 6.46 8.95 -10.56
N LEU A 168 7.19 9.97 -11.03
CA LEU A 168 8.09 10.73 -10.16
C LEU A 168 7.87 12.21 -10.14
N GLY A 169 6.94 12.72 -10.95
CA GLY A 169 6.68 14.18 -10.93
C GLY A 169 6.25 14.66 -9.54
N HIS A 170 5.55 13.78 -8.81
CA HIS A 170 5.03 14.14 -7.50
C HIS A 170 5.88 13.56 -6.37
N TYR A 171 7.10 13.10 -6.65
CA TYR A 171 7.94 12.53 -5.60
C TYR A 171 8.42 13.62 -4.64
N PRO A 172 8.15 13.49 -3.33
CA PRO A 172 8.48 14.57 -2.40
C PRO A 172 9.91 14.64 -1.91
N GLY A 173 10.75 13.68 -2.31
CA GLY A 173 12.19 13.76 -1.97
C GLY A 173 12.61 12.75 -0.92
N ASP A 174 13.86 12.29 -1.03
CA ASP A 174 14.38 11.27 -0.12
C ASP A 174 14.33 11.69 1.33
N ASN A 175 14.40 13.02 1.56
CA ASN A 175 14.37 13.50 2.94
C ASN A 175 13.01 13.34 3.62
N TYR A 176 11.98 12.94 2.84
CA TYR A 176 10.60 12.81 3.33
C TYR A 176 10.04 11.43 3.20
N VAL A 177 10.88 10.46 2.82
CA VAL A 177 10.38 9.12 2.44
C VAL A 177 11.27 8.07 3.03
N ASP A 178 10.67 7.02 3.61
CA ASP A 178 11.43 5.85 4.10
C ASP A 178 11.32 4.69 3.14
N TYR A 179 10.14 4.53 2.53
CA TYR A 179 9.90 3.44 1.57
C TYR A 179 9.16 3.99 0.37
N THR A 180 9.41 3.43 -0.80
CA THR A 180 8.51 3.64 -1.93
CA THR A 180 8.49 3.66 -1.94
C THR A 180 7.65 2.40 -2.13
N SER A 181 6.66 2.49 -3.02
CA SER A 181 5.72 1.38 -3.18
C SER A 181 4.97 1.50 -4.47
N ILE A 182 4.46 0.35 -4.92
CA ILE A 182 3.69 0.26 -6.16
C ILE A 182 2.43 -0.55 -5.87
N ASP A 183 1.31 -0.12 -6.47
CA ASP A 183 0.07 -0.87 -6.44
C ASP A 183 -0.31 -1.30 -7.83
N GLY A 184 -0.90 -2.46 -7.97
CA GLY A 184 -1.32 -2.85 -9.33
C GLY A 184 -2.04 -4.19 -9.30
N TYR A 185 -2.89 -4.40 -10.31
CA TYR A 185 -3.68 -5.63 -10.41
C TYR A 185 -3.59 -6.25 -11.79
N ASN A 186 -3.65 -7.58 -11.83
CA ASN A 186 -4.03 -8.23 -13.09
C ASN A 186 -5.55 -8.33 -13.08
N TRP A 187 -6.18 -7.50 -13.91
CA TRP A 187 -7.65 -7.39 -13.99
C TRP A 187 -8.25 -8.53 -14.82
N GLY A 188 -7.41 -9.29 -15.51
CA GLY A 188 -7.93 -10.29 -16.47
C GLY A 188 -8.87 -9.60 -17.43
N THR A 189 -9.95 -10.32 -17.77
CA THR A 189 -10.95 -9.80 -18.71
C THR A 189 -12.16 -9.24 -17.98
N THR A 190 -11.98 -8.78 -16.75
CA THR A 190 -13.13 -8.41 -15.92
C THR A 190 -13.71 -7.03 -16.19
N GLN A 191 -12.96 -6.14 -16.86
CA GLN A 191 -13.43 -4.77 -17.05
C GLN A 191 -13.94 -4.49 -18.48
N SER A 195 -10.20 -4.53 -20.33
CA SER A 195 -8.96 -4.98 -19.69
C SER A 195 -8.54 -6.33 -20.23
N GLN A 196 -7.23 -6.61 -20.11
CA GLN A 196 -6.64 -7.85 -20.59
C GLN A 196 -5.81 -8.52 -19.46
N TRP A 197 -5.66 -9.83 -19.56
CA TRP A 197 -4.79 -10.58 -18.67
C TRP A 197 -3.35 -10.08 -18.81
N GLN A 198 -2.71 -9.80 -17.68
CA GLN A 198 -1.32 -9.34 -17.68
CA GLN A 198 -1.35 -9.27 -17.62
C GLN A 198 -0.56 -10.07 -16.60
N SER A 199 0.66 -10.45 -16.92
CA SER A 199 1.52 -11.07 -15.92
C SER A 199 1.93 -10.06 -14.86
N PHE A 200 2.42 -10.54 -13.74
CA PHE A 200 3.02 -9.60 -12.75
C PHE A 200 4.03 -8.67 -13.36
N ASP A 201 4.96 -9.20 -14.17
CA ASP A 201 5.96 -8.34 -14.86
CA ASP A 201 5.97 -8.37 -14.76
C ASP A 201 5.33 -7.30 -15.68
N GLN A 202 4.34 -7.70 -16.47
CA GLN A 202 3.65 -6.72 -17.30
C GLN A 202 3.00 -5.63 -16.48
N VAL A 203 2.45 -5.99 -15.32
CA VAL A 203 1.83 -4.98 -14.47
C VAL A 203 2.88 -4.02 -13.86
N PHE A 204 3.95 -4.58 -13.31
CA PHE A 204 4.83 -3.82 -12.41
C PHE A 204 6.16 -3.31 -12.96
N SER A 205 6.60 -3.78 -14.12
CA SER A 205 7.99 -3.52 -14.52
CA SER A 205 7.99 -3.53 -14.52
C SER A 205 8.30 -2.05 -14.74
N ARG A 206 7.38 -1.33 -15.37
CA ARG A 206 7.68 0.09 -15.68
C ARG A 206 7.79 0.95 -14.43
N ALA A 207 6.85 0.75 -13.50
CA ALA A 207 6.90 1.48 -12.25
C ALA A 207 8.13 1.11 -11.44
N TYR A 208 8.47 -0.17 -11.45
CA TYR A 208 9.66 -0.60 -10.71
C TYR A 208 10.91 0.04 -11.28
N GLN A 209 11.02 0.07 -12.61
CA GLN A 209 12.20 0.73 -13.23
C GLN A 209 12.32 2.16 -12.76
N ALA A 210 11.20 2.88 -12.66
CA ALA A 210 11.26 4.26 -12.14
C ALA A 210 11.69 4.35 -10.69
N LEU A 211 11.07 3.53 -9.83
CA LEU A 211 11.40 3.59 -8.40
C LEU A 211 12.78 3.05 -8.06
N ALA A 212 13.31 2.18 -8.93
CA ALA A 212 14.62 1.61 -8.70
C ALA A 212 15.71 2.69 -8.79
N SER A 213 15.37 3.88 -9.32
CA SER A 213 16.30 5.01 -9.38
C SER A 213 16.40 5.78 -8.05
N ILE A 214 15.61 5.36 -7.07
CA ILE A 214 15.55 5.98 -5.76
C ILE A 214 16.13 5.00 -4.77
N ASN A 215 17.04 5.47 -3.91
CA ASN A 215 17.66 4.57 -2.94
C ASN A 215 16.79 4.43 -1.69
N LYS A 216 15.60 3.84 -1.90
CA LYS A 216 14.69 3.51 -0.80
C LYS A 216 14.17 2.10 -1.13
N PRO A 217 13.91 1.28 -0.11
CA PRO A 217 13.35 -0.05 -0.38
C PRO A 217 11.92 0.06 -0.92
N ILE A 218 11.50 -0.95 -1.67
CA ILE A 218 10.20 -0.88 -2.37
C ILE A 218 9.23 -1.91 -1.79
N ILE A 219 7.98 -1.49 -1.56
CA ILE A 219 6.91 -2.38 -1.09
C ILE A 219 5.89 -2.53 -2.25
N ILE A 220 5.47 -3.76 -2.55
CA ILE A 220 4.28 -3.95 -3.40
C ILE A 220 3.13 -3.84 -2.42
N ALA A 221 2.52 -2.65 -2.34
CA ALA A 221 1.58 -2.37 -1.24
C ALA A 221 0.16 -2.88 -1.46
N GLN A 222 -0.24 -3.03 -2.73
CA GLN A 222 -1.55 -3.66 -3.06
C GLN A 222 -1.30 -4.39 -4.36
N PHE A 223 -1.58 -5.70 -4.37
CA PHE A 223 -1.61 -6.40 -5.65
C PHE A 223 -2.50 -7.62 -5.50
N ALA A 224 -3.03 -8.05 -6.65
CA ALA A 224 -3.81 -9.28 -6.69
C ALA A 224 -4.08 -9.58 -8.16
N SER A 225 -4.72 -10.72 -8.42
CA SER A 225 -5.10 -11.11 -9.77
C SER A 225 -6.56 -11.59 -9.77
N ALA A 226 -7.23 -11.31 -10.88
CA ALA A 226 -8.52 -11.95 -11.17
C ALA A 226 -8.34 -13.44 -11.45
N GLU A 227 -9.44 -14.18 -11.38
CA GLU A 227 -9.51 -15.57 -11.88
C GLU A 227 -9.73 -15.67 -13.39
N ILE A 228 -10.50 -14.74 -13.96
CA ILE A 228 -11.00 -14.97 -15.33
C ILE A 228 -10.15 -14.28 -16.39
N GLY A 229 -9.85 -15.04 -17.45
CA GLY A 229 -9.03 -14.57 -18.55
C GLY A 229 -7.68 -15.26 -18.59
N GLY A 230 -7.45 -16.19 -17.66
CA GLY A 230 -6.16 -16.86 -17.50
C GLY A 230 -6.12 -17.75 -16.29
N ASN A 231 -4.93 -18.23 -15.94
CA ASN A 231 -4.75 -19.18 -14.83
C ASN A 231 -4.18 -18.43 -13.62
N LYS A 232 -5.02 -18.18 -12.62
CA LYS A 232 -4.61 -17.35 -11.48
C LYS A 232 -3.58 -18.08 -10.61
N ALA A 233 -3.72 -19.39 -10.46
CA ALA A 233 -2.74 -20.19 -9.74
C ALA A 233 -1.33 -20.01 -10.31
N ARG A 234 -1.22 -20.15 -11.64
CA ARG A 234 0.11 -20.02 -12.24
CA ARG A 234 0.05 -20.01 -12.31
C ARG A 234 0.56 -18.56 -12.13
N TRP A 235 -0.37 -17.62 -12.24
CA TRP A 235 0.00 -16.22 -12.11
C TRP A 235 0.64 -15.94 -10.77
N ILE A 236 0.06 -16.49 -9.70
CA ILE A 236 0.59 -16.32 -8.35
C ILE A 236 1.98 -16.92 -8.24
N THR A 237 2.15 -18.14 -8.74
CA THR A 237 3.46 -18.80 -8.65
C THR A 237 4.47 -17.92 -9.36
N GLU A 238 4.13 -17.49 -10.55
CA GLU A 238 5.05 -16.69 -11.36
C GLU A 238 5.31 -15.31 -10.73
N ALA A 239 4.29 -14.74 -10.09
CA ALA A 239 4.45 -13.39 -9.49
C ALA A 239 5.52 -13.41 -8.38
N TYR A 240 5.41 -14.38 -7.47
CA TYR A 240 6.37 -14.45 -6.38
C TYR A 240 7.75 -14.85 -6.89
N ASN A 241 7.82 -15.73 -7.89
CA ASN A 241 9.12 -16.03 -8.48
CA ASN A 241 9.10 -16.05 -8.52
C ASN A 241 9.71 -14.78 -9.10
N SER A 242 8.89 -13.99 -9.80
CA SER A 242 9.40 -12.75 -10.41
C SER A 242 9.91 -11.81 -9.35
N ILE A 243 9.15 -11.64 -8.26
CA ILE A 243 9.59 -10.72 -7.23
C ILE A 243 10.95 -11.12 -6.71
N ARG A 244 11.14 -12.42 -6.45
CA ARG A 244 12.40 -12.87 -5.86
CA ARG A 244 12.40 -12.83 -5.83
C ARG A 244 13.55 -12.85 -6.85
N THR A 245 13.25 -13.07 -8.12
CA THR A 245 14.27 -13.23 -9.15
C THR A 245 14.73 -11.92 -9.78
N SER A 246 13.81 -10.97 -9.96
CA SER A 246 14.04 -9.80 -10.82
CA SER A 246 14.14 -9.79 -10.77
C SER A 246 13.62 -8.47 -10.18
N TYR A 247 13.00 -8.50 -9.01
CA TYR A 247 12.61 -7.25 -8.33
C TYR A 247 13.35 -7.19 -7.01
N ASN A 248 14.67 -7.16 -7.11
CA ASN A 248 15.50 -7.35 -5.96
C ASN A 248 15.39 -6.25 -4.89
N LYS A 249 14.90 -5.08 -5.30
CA LYS A 249 14.74 -3.97 -4.35
C LYS A 249 13.40 -4.03 -3.61
N VAL A 250 12.53 -4.95 -4.00
CA VAL A 250 11.28 -5.15 -3.28
C VAL A 250 11.53 -5.96 -2.01
N ILE A 251 11.08 -5.39 -0.90
CA ILE A 251 11.24 -6.02 0.41
C ILE A 251 9.97 -6.63 0.98
N ALA A 252 8.83 -6.28 0.41
CA ALA A 252 7.55 -6.76 0.92
C ALA A 252 6.54 -6.87 -0.19
N ALA A 253 5.67 -7.87 -0.04
CA ALA A 253 4.57 -8.11 -0.99
C ALA A 253 3.29 -8.19 -0.18
N VAL A 254 2.39 -7.23 -0.41
CA VAL A 254 1.20 -7.08 0.38
C VAL A 254 -0.03 -7.33 -0.50
N TRP A 255 -0.62 -8.53 -0.39
CA TRP A 255 -1.75 -8.88 -1.21
C TRP A 255 -2.97 -8.04 -0.81
N PHE A 256 -3.89 -7.88 -1.76
CA PHE A 256 -5.18 -7.20 -1.53
C PHE A 256 -6.27 -8.26 -1.51
N HIS A 257 -6.55 -8.77 -0.33
CA HIS A 257 -7.47 -9.91 -0.21
C HIS A 257 -8.90 -9.42 0.04
N GLU A 258 -9.65 -9.23 -1.03
CA GLU A 258 -11.02 -8.79 -0.86
C GLU A 258 -11.78 -9.20 -2.10
N ASN A 259 -13.00 -9.68 -1.86
CA ASN A 259 -13.92 -9.94 -2.94
C ASN A 259 -14.65 -8.65 -3.18
N LYS A 260 -14.21 -7.93 -4.20
CA LYS A 260 -14.64 -6.56 -4.42
C LYS A 260 -14.98 -6.37 -5.88
N GLU A 261 -14.18 -5.63 -6.66
CA GLU A 261 -14.48 -5.39 -8.08
C GLU A 261 -14.55 -6.73 -8.78
N THR A 262 -13.63 -7.60 -8.44
CA THR A 262 -13.64 -9.00 -8.80
C THR A 262 -13.13 -9.74 -7.57
N ASP A 263 -13.08 -11.06 -7.62
CA ASP A 263 -12.65 -11.81 -6.46
C ASP A 263 -11.11 -11.84 -6.46
N TRP A 264 -10.54 -10.83 -5.82
CA TRP A 264 -9.07 -10.75 -5.67
C TRP A 264 -8.51 -11.73 -4.67
N ARG A 265 -9.37 -12.34 -3.87
CA ARG A 265 -8.92 -13.15 -2.72
C ARG A 265 -7.94 -14.25 -3.06
N ILE A 266 -7.06 -14.60 -2.10
CA ILE A 266 -6.17 -15.72 -2.37
C ILE A 266 -6.94 -17.04 -2.50
N ASN A 267 -8.18 -17.09 -1.96
CA ASN A 267 -9.03 -18.30 -1.99
C ASN A 267 -10.22 -18.09 -2.92
N SER A 268 -10.03 -17.31 -3.99
CA SER A 268 -11.07 -17.19 -5.00
C SER A 268 -11.32 -18.54 -5.70
N SER A 269 -10.34 -19.44 -5.62
CA SER A 269 -10.51 -20.85 -6.07
C SER A 269 -9.56 -21.69 -5.22
N PRO A 270 -9.81 -23.02 -5.12
CA PRO A 270 -8.88 -23.86 -4.37
C PRO A 270 -7.47 -23.88 -4.99
N GLU A 271 -7.41 -23.82 -6.33
CA GLU A 271 -6.13 -23.85 -7.05
C GLU A 271 -5.33 -22.60 -6.74
N ALA A 272 -6.00 -21.44 -6.75
CA ALA A 272 -5.30 -20.21 -6.39
C ALA A 272 -4.77 -20.27 -4.97
N LEU A 273 -5.59 -20.79 -4.03
CA LEU A 273 -5.14 -20.85 -2.64
C LEU A 273 -3.90 -21.74 -2.46
N ALA A 274 -3.94 -22.91 -3.12
CA ALA A 274 -2.82 -23.83 -3.02
C ALA A 274 -1.56 -23.15 -3.58
N ALA A 275 -1.69 -22.46 -4.72
CA ALA A 275 -0.54 -21.77 -5.33
C ALA A 275 0.00 -20.68 -4.41
N TYR A 276 -0.90 -19.91 -3.79
CA TYR A 276 -0.47 -18.85 -2.88
CA TYR A 276 -0.51 -18.86 -2.84
C TYR A 276 0.26 -19.42 -1.66
N ARG A 277 -0.29 -20.46 -1.04
CA ARG A 277 0.35 -21.09 0.09
C ARG A 277 1.77 -21.53 -0.25
N GLU A 278 1.94 -22.09 -1.45
CA GLU A 278 3.28 -22.54 -1.84
CA GLU A 278 3.28 -22.54 -1.85
C GLU A 278 4.19 -21.37 -2.19
N ALA A 279 3.65 -20.37 -2.86
CA ALA A 279 4.46 -19.26 -3.37
C ALA A 279 5.06 -18.38 -2.28
N ILE A 280 4.36 -18.18 -1.16
CA ILE A 280 4.85 -17.24 -0.16
C ILE A 280 6.04 -17.75 0.63
N GLY A 281 6.20 -19.07 0.65
CA GLY A 281 7.45 -19.67 1.16
C GLY A 281 7.44 -19.69 2.66
N ALA A 282 8.57 -20.12 3.23
CA ALA A 282 8.62 -20.40 4.65
C ALA A 282 8.55 -19.12 5.48
#